data_6T7V
#
_entry.id   6T7V
#
_cell.length_a   75.430
_cell.length_b   75.430
_cell.length_c   114.497
_cell.angle_alpha   90.000
_cell.angle_beta   90.000
_cell.angle_gamma   120.000
#
_symmetry.space_group_name_H-M   'P 32 2 1'
#
loop_
_entity.id
_entity.type
_entity.pdbx_description
1 polymer 'Kelch-like ECH-associated protein 1'
2 polymer LEU-ASP-PRO-GLU-THR-GLY-GLU-PHE-LEU
3 non-polymer 'ACETATE ION'
4 water water
#
loop_
_entity_poly.entity_id
_entity_poly.type
_entity_poly.pdbx_seq_one_letter_code
_entity_poly.pdbx_strand_id
1 'polypeptide(L)'
;GSHMAPKVGRLIYTAGGYFRQSLSYLEAYNPSDGTWLRLADLQVPRSGLAGCVVGGLLYAVGGRNNSPDGNTDSSALDCY
NPMTNQWSPCAPMSVPRNRIGVGVIDGHIYAVGGSHGCIHHNSVERYEPERDEWHLVAPMLTRRIGVGVAVLNRLLYAVG
GFDGTNRLNSAECYYPERNEWRMITAMNTIRSGAGVCVLHNCIYAAGGYDGQDQLNSVERYDVATATWTFVAPMKHRRSA
LGITVHQGRIYVLGGYDGHTFLDSVECYDPDTDTWSEVTRMTSGRSGVGVAVT
;
A
2 'polypeptide(L)' LDPETGEFL I
#
loop_
_chem_comp.id
_chem_comp.type
_chem_comp.name
_chem_comp.formula
ACT non-polymer 'ACETATE ION' 'C2 H3 O2 -1'
#
# COMPACT_ATOMS: atom_id res chain seq x y z
N GLY A 9 16.29 1.27 -15.76
CA GLY A 9 15.60 0.00 -16.11
C GLY A 9 15.15 -0.76 -14.87
N ARG A 10 14.49 -0.05 -13.97
CA ARG A 10 14.02 -0.61 -12.69
C ARG A 10 12.66 -1.27 -12.92
N LEU A 11 12.35 -2.33 -12.16
CA LEU A 11 11.08 -3.07 -12.29
C LEU A 11 10.05 -2.67 -11.23
N ILE A 12 8.76 -2.87 -11.53
CA ILE A 12 7.67 -2.74 -10.55
C ILE A 12 7.34 -4.11 -9.97
N TYR A 13 7.81 -4.40 -8.77
CA TYR A 13 7.53 -5.69 -8.12
C TYR A 13 6.13 -5.67 -7.50
N THR A 14 5.43 -6.81 -7.57
CA THR A 14 4.13 -6.99 -6.91
C THR A 14 4.10 -8.33 -6.16
N ALA A 15 3.81 -8.28 -4.86
CA ALA A 15 3.83 -9.47 -4.00
C ALA A 15 2.47 -9.74 -3.38
N GLY A 16 2.00 -10.99 -3.54
CA GLY A 16 0.84 -11.48 -2.81
C GLY A 16 -0.46 -10.96 -3.37
N GLY A 17 -1.47 -10.92 -2.51
CA GLY A 17 -2.82 -10.50 -2.88
C GLY A 17 -3.85 -11.58 -2.60
N TYR A 18 -5.07 -11.35 -3.07
CA TYR A 18 -6.20 -12.26 -2.85
C TYR A 18 -6.95 -12.54 -4.13
N PHE A 19 -7.24 -13.83 -4.37
CA PHE A 19 -8.27 -14.27 -5.31
C PHE A 19 -8.75 -15.63 -4.84
N ARG A 20 -9.97 -15.67 -4.28
CA ARG A 20 -10.51 -16.84 -3.54
C ARG A 20 -9.76 -17.14 -2.21
N GLN A 21 -8.43 -17.15 -2.27
CA GLN A 21 -7.59 -17.27 -1.08
C GLN A 21 -6.38 -16.33 -1.19
N SER A 22 -5.64 -16.20 -0.09
CA SER A 22 -4.41 -15.39 -0.08
C SER A 22 -3.33 -16.06 -0.94
N LEU A 23 -2.56 -15.24 -1.64
CA LEU A 23 -1.65 -15.69 -2.70
C LEU A 23 -0.17 -15.54 -2.32
N SER A 24 0.67 -16.34 -2.96
CA SER A 24 2.13 -16.35 -2.73
C SER A 24 2.93 -15.71 -3.87
N TYR A 25 2.26 -15.18 -4.90
CA TYR A 25 2.95 -14.69 -6.10
C TYR A 25 3.97 -13.59 -5.77
N LEU A 26 5.09 -13.61 -6.49
CA LEU A 26 5.97 -12.44 -6.62
C LEU A 26 6.26 -12.28 -8.10
N GLU A 27 5.86 -11.14 -8.66
CA GLU A 27 5.99 -10.87 -10.08
C GLU A 27 6.50 -9.45 -10.30
N ALA A 28 7.22 -9.24 -11.38
CA ALA A 28 7.81 -7.94 -11.71
C ALA A 28 7.43 -7.56 -13.13
N TYR A 29 7.13 -6.27 -13.33
CA TYR A 29 6.77 -5.73 -14.63
C TYR A 29 7.82 -4.71 -15.05
N ASN A 30 8.21 -4.76 -16.32
CA ASN A 30 9.18 -3.83 -16.91
C ASN A 30 8.45 -2.94 -17.93
N PRO A 31 8.27 -1.63 -17.61
CA PRO A 31 7.60 -0.72 -18.56
C PRO A 31 8.34 -0.44 -19.89
N SER A 32 9.65 -0.64 -19.91
CA SER A 32 10.42 -0.47 -21.16
C SER A 32 10.01 -1.47 -22.24
N ASP A 33 9.88 -2.75 -21.86
CA ASP A 33 9.51 -3.84 -22.81
C ASP A 33 8.11 -4.44 -22.59
N GLY A 34 7.38 -3.97 -21.57
CA GLY A 34 6.02 -4.44 -21.27
C GLY A 34 5.88 -5.92 -20.88
N THR A 35 6.96 -6.53 -20.37
CA THR A 35 6.98 -7.96 -20.02
C THR A 35 6.80 -8.19 -18.52
N TRP A 36 6.37 -9.39 -18.16
CA TRP A 36 6.22 -9.81 -16.76
C TRP A 36 7.20 -10.91 -16.42
N LEU A 37 7.78 -10.84 -15.22
CA LEU A 37 8.69 -11.87 -14.72
C LEU A 37 7.96 -12.67 -13.65
N ARG A 38 8.22 -13.98 -13.60
CA ARG A 38 7.73 -14.85 -12.53
C ARG A 38 8.93 -15.13 -11.63
N LEU A 39 8.88 -14.62 -10.41
CA LEU A 39 9.98 -14.73 -9.45
C LEU A 39 9.60 -15.70 -8.33
N ALA A 40 10.50 -15.90 -7.37
CA ALA A 40 10.30 -16.88 -6.30
C ALA A 40 9.08 -16.52 -5.45
N ASP A 41 8.23 -17.53 -5.18
CA ASP A 41 7.00 -17.32 -4.40
C ASP A 41 7.33 -16.95 -2.95
N LEU A 42 6.39 -16.28 -2.31
CA LEU A 42 6.47 -15.99 -0.87
C LEU A 42 6.46 -17.31 -0.10
N GLN A 43 7.21 -17.34 1.01
CA GLN A 43 7.24 -18.53 1.88
C GLN A 43 5.86 -18.82 2.47
N VAL A 44 5.16 -17.77 2.90
CA VAL A 44 3.80 -17.85 3.43
C VAL A 44 2.89 -16.93 2.60
N PRO A 45 1.72 -17.42 2.14
CA PRO A 45 0.84 -16.54 1.35
C PRO A 45 0.25 -15.44 2.21
N ARG A 46 -0.04 -14.30 1.58
CA ARG A 46 -0.66 -13.20 2.30
C ARG A 46 -1.33 -12.15 1.40
N SER A 47 -2.31 -11.47 1.99
CA SER A 47 -3.02 -10.35 1.34
C SER A 47 -3.17 -9.20 2.35
N GLY A 48 -3.35 -7.98 1.83
CA GLY A 48 -3.36 -6.79 2.66
C GLY A 48 -2.00 -6.48 3.28
N LEU A 49 -0.93 -6.92 2.60
CA LEU A 49 0.44 -6.58 2.96
C LEU A 49 0.82 -5.26 2.30
N ALA A 50 2.02 -4.78 2.59
CA ALA A 50 2.60 -3.64 1.89
C ALA A 50 4.02 -3.96 1.45
N GLY A 51 4.45 -3.34 0.35
CA GLY A 51 5.81 -3.47 -0.17
C GLY A 51 6.63 -2.21 0.04
N CYS A 52 7.95 -2.39 0.11
CA CYS A 52 8.93 -1.27 0.07
C CYS A 52 10.33 -1.79 -0.24
N VAL A 53 11.26 -0.87 -0.50
CA VAL A 53 12.65 -1.19 -0.84
C VAL A 53 13.62 -0.40 0.06
N VAL A 54 14.69 -1.07 0.50
CA VAL A 54 15.78 -0.44 1.26
C VAL A 54 17.10 -1.08 0.83
N GLY A 55 17.95 -0.31 0.16
CA GLY A 55 19.23 -0.82 -0.34
C GLY A 55 19.08 -1.90 -1.39
N GLY A 56 18.14 -1.69 -2.32
CA GLY A 56 17.91 -2.62 -3.41
C GLY A 56 17.20 -3.94 -3.08
N LEU A 57 16.76 -4.12 -1.84
CA LEU A 57 16.08 -5.35 -1.40
C LEU A 57 14.59 -5.09 -1.12
N LEU A 58 13.72 -5.90 -1.74
CA LEU A 58 12.26 -5.81 -1.55
C LEU A 58 11.89 -6.39 -0.19
N TYR A 59 11.06 -5.67 0.57
CA TYR A 59 10.48 -6.16 1.82
C TYR A 59 8.96 -6.27 1.68
N ALA A 60 8.37 -7.31 2.27
CA ALA A 60 6.92 -7.52 2.30
C ALA A 60 6.47 -7.54 3.76
N VAL A 61 5.60 -6.59 4.12
CA VAL A 61 5.29 -6.32 5.52
C VAL A 61 3.83 -6.65 5.85
N GLY A 62 3.63 -7.50 6.86
CA GLY A 62 2.30 -7.80 7.38
C GLY A 62 1.32 -8.40 6.38
N GLY A 63 0.04 -8.15 6.63
CA GLY A 63 -1.07 -8.73 5.88
C GLY A 63 -1.72 -9.85 6.67
N ARG A 64 -2.45 -10.72 5.97
CA ARG A 64 -3.01 -11.94 6.56
C ARG A 64 -3.13 -13.04 5.52
N ASN A 65 -3.09 -14.28 5.99
CA ASN A 65 -3.32 -15.46 5.14
C ASN A 65 -4.77 -15.91 5.31
N ASN A 66 -5.65 -15.41 4.44
CA ASN A 66 -7.05 -15.85 4.44
C ASN A 66 -7.18 -17.03 3.48
N SER A 67 -7.04 -18.24 4.03
CA SER A 67 -7.05 -19.49 3.27
C SER A 67 -8.38 -20.19 3.49
N PRO A 68 -8.64 -21.29 2.75
CA PRO A 68 -9.81 -22.13 3.04
C PRO A 68 -9.86 -22.66 4.48
N ASP A 69 -8.71 -23.09 5.01
CA ASP A 69 -8.61 -23.61 6.39
C ASP A 69 -8.94 -22.57 7.48
N GLY A 70 -8.71 -21.29 7.20
CA GLY A 70 -9.01 -20.21 8.16
C GLY A 70 -8.15 -18.99 7.93
N ASN A 71 -8.16 -18.08 8.91
CA ASN A 71 -7.46 -16.79 8.83
C ASN A 71 -6.41 -16.61 9.93
N THR A 72 -5.20 -16.20 9.54
CA THR A 72 -4.11 -15.87 10.47
C THR A 72 -3.50 -14.53 10.04
N ASP A 73 -3.57 -13.53 10.91
CA ASP A 73 -2.97 -12.21 10.64
C ASP A 73 -1.46 -12.32 10.82
N SER A 74 -0.73 -11.57 9.99
CA SER A 74 0.73 -11.66 9.93
C SER A 74 1.39 -10.50 10.66
N SER A 75 2.42 -10.81 11.46
CA SER A 75 3.36 -9.82 11.98
C SER A 75 4.70 -9.88 11.23
N ALA A 76 4.78 -10.67 10.17
CA ALA A 76 6.05 -11.05 9.56
C ALA A 76 6.62 -9.97 8.66
N LEU A 77 7.95 -9.82 8.73
CA LEU A 77 8.73 -9.11 7.75
C LEU A 77 9.62 -10.14 7.05
N ASP A 78 9.47 -10.25 5.73
CA ASP A 78 10.32 -11.09 4.90
C ASP A 78 11.00 -10.19 3.88
N CYS A 79 12.23 -10.56 3.49
CA CYS A 79 13.07 -9.76 2.61
C CYS A 79 13.52 -10.56 1.37
N TYR A 80 13.29 -9.99 0.19
CA TYR A 80 13.64 -10.61 -1.10
C TYR A 80 14.77 -9.86 -1.79
N ASN A 81 15.87 -10.56 -2.07
CA ASN A 81 16.99 -10.02 -2.85
C ASN A 81 16.79 -10.34 -4.34
N PRO A 82 16.65 -9.32 -5.20
CA PRO A 82 16.59 -9.52 -6.65
C PRO A 82 17.74 -10.33 -7.25
N MET A 83 18.95 -10.15 -6.73
CA MET A 83 20.14 -10.78 -7.30
C MET A 83 20.16 -12.29 -7.03
N THR A 84 19.69 -12.71 -5.85
CA THR A 84 19.67 -14.13 -5.47
C THR A 84 18.30 -14.84 -5.68
N ASN A 85 17.25 -14.07 -5.93
CA ASN A 85 15.87 -14.59 -6.13
C ASN A 85 15.38 -15.46 -4.97
N GLN A 86 15.74 -15.07 -3.75
CA GLN A 86 15.49 -15.83 -2.53
C GLN A 86 14.82 -14.93 -1.47
N TRP A 87 13.74 -15.43 -0.86
CA TRP A 87 13.14 -14.79 0.31
C TRP A 87 13.85 -15.22 1.56
N SER A 88 14.16 -14.25 2.43
CA SER A 88 14.73 -14.53 3.75
C SER A 88 13.85 -13.87 4.80
N PRO A 89 13.51 -14.59 5.89
CA PRO A 89 12.68 -13.98 6.93
C PRO A 89 13.50 -13.04 7.80
N CYS A 90 12.84 -12.01 8.34
CA CYS A 90 13.44 -11.04 9.26
C CYS A 90 12.67 -11.05 10.59
N ALA A 91 13.07 -10.21 11.52
CA ALA A 91 12.42 -10.14 12.85
C ALA A 91 10.96 -9.69 12.70
N PRO A 92 10.04 -10.34 13.43
CA PRO A 92 8.62 -9.98 13.31
C PRO A 92 8.24 -8.70 14.06
N MET A 93 7.11 -8.10 13.66
CA MET A 93 6.60 -6.87 14.30
C MET A 93 6.01 -7.20 15.67
N SER A 94 5.90 -6.18 16.53
CA SER A 94 5.34 -6.34 17.87
C SER A 94 3.90 -6.88 17.88
N VAL A 95 3.12 -6.53 16.86
CA VAL A 95 1.75 -7.04 16.66
C VAL A 95 1.49 -7.36 15.18
N PRO A 96 0.48 -8.20 14.89
CA PRO A 96 0.11 -8.43 13.48
C PRO A 96 -0.64 -7.23 12.88
N ARG A 97 -0.49 -7.01 11.57
CA ARG A 97 -1.04 -5.82 10.90
C ARG A 97 -1.56 -6.15 9.50
N ASN A 98 -2.85 -6.42 9.41
CA ASN A 98 -3.54 -6.62 8.14
C ASN A 98 -4.06 -5.28 7.64
N ARG A 99 -3.99 -5.06 6.32
CA ARG A 99 -4.31 -3.77 5.69
C ARG A 99 -3.34 -2.68 6.16
N ILE A 100 -2.06 -3.02 6.06
CA ILE A 100 -0.96 -2.23 6.62
C ILE A 100 -0.55 -1.10 5.69
N GLY A 101 -0.08 -0.01 6.28
CA GLY A 101 0.55 1.09 5.55
C GLY A 101 2.04 1.07 5.86
N VAL A 102 2.86 1.31 4.84
CA VAL A 102 4.32 1.32 4.98
C VAL A 102 4.98 2.46 4.20
N GLY A 103 6.00 3.06 4.81
CA GLY A 103 6.84 4.07 4.17
C GLY A 103 8.28 3.96 4.65
N VAL A 104 9.22 4.51 3.86
CA VAL A 104 10.66 4.45 4.19
C VAL A 104 11.29 5.83 4.32
N ILE A 105 12.00 6.06 5.42
CA ILE A 105 12.79 7.28 5.66
C ILE A 105 14.19 6.90 6.18
N ASP A 106 15.23 7.28 5.43
CA ASP A 106 16.63 7.03 5.80
C ASP A 106 16.93 5.55 6.05
N GLY A 107 16.48 4.70 5.13
CA GLY A 107 16.71 3.26 5.21
C GLY A 107 16.08 2.59 6.42
N HIS A 108 14.96 3.13 6.90
CA HIS A 108 14.19 2.57 8.01
C HIS A 108 12.75 2.44 7.61
N ILE A 109 12.17 1.25 7.87
CA ILE A 109 10.81 0.92 7.45
C ILE A 109 9.84 1.21 8.58
N TYR A 110 8.88 2.11 8.32
CA TYR A 110 7.80 2.41 9.28
C TYR A 110 6.55 1.58 8.97
N ALA A 111 6.11 0.79 9.96
CA ALA A 111 4.87 0.04 9.87
C ALA A 111 3.71 0.83 10.50
N VAL A 112 2.74 1.24 9.67
CA VAL A 112 1.66 2.16 10.08
C VAL A 112 0.31 1.45 10.17
N GLY A 113 -0.31 1.50 11.34
CA GLY A 113 -1.71 1.07 11.52
C GLY A 113 -1.97 -0.41 11.27
N GLY A 114 -3.05 -0.70 10.53
CA GLY A 114 -3.47 -2.08 10.25
C GLY A 114 -4.24 -2.72 11.40
N SER A 115 -4.81 -3.90 11.15
CA SER A 115 -5.69 -4.57 12.12
C SER A 115 -5.17 -5.93 12.57
N HIS A 116 -5.66 -6.37 13.73
CA HIS A 116 -5.50 -7.75 14.20
C HIS A 116 -6.78 -8.19 14.84
N GLY A 117 -7.60 -8.91 14.07
CA GLY A 117 -8.94 -9.29 14.51
C GLY A 117 -9.81 -8.05 14.62
N CYS A 118 -10.38 -7.80 15.80
CA CYS A 118 -11.21 -6.61 16.06
C CYS A 118 -10.39 -5.36 16.41
N ILE A 119 -9.12 -5.54 16.79
CA ILE A 119 -8.21 -4.42 17.11
C ILE A 119 -7.80 -3.67 15.83
N HIS A 120 -8.08 -2.37 15.78
CA HIS A 120 -7.65 -1.50 14.70
C HIS A 120 -6.54 -0.64 15.23
N HIS A 121 -5.30 -0.89 14.81
CA HIS A 121 -4.13 -0.26 15.43
C HIS A 121 -4.02 1.21 15.08
N ASN A 122 -3.63 2.01 16.08
CA ASN A 122 -3.06 3.35 15.84
C ASN A 122 -1.55 3.38 16.11
N SER A 123 -1.02 2.29 16.66
CA SER A 123 0.41 2.18 16.89
C SER A 123 1.19 2.24 15.58
N VAL A 124 2.46 2.63 15.70
CA VAL A 124 3.40 2.64 14.60
C VAL A 124 4.73 2.14 15.15
N GLU A 125 5.46 1.38 14.34
CA GLU A 125 6.77 0.87 14.72
C GLU A 125 7.73 0.93 13.55
N ARG A 126 9.02 0.90 13.87
CA ARG A 126 10.10 1.29 12.96
C ARG A 126 11.16 0.19 12.92
N TYR A 127 11.54 -0.24 11.71
CA TYR A 127 12.50 -1.33 11.51
C TYR A 127 13.87 -0.82 11.11
N GLU A 128 14.91 -1.34 11.77
CA GLU A 128 16.31 -1.02 11.49
C GLU A 128 16.93 -2.27 10.85
N PRO A 129 17.12 -2.27 9.51
CA PRO A 129 17.76 -3.40 8.80
C PRO A 129 19.13 -3.82 9.32
N GLU A 130 19.99 -2.85 9.64
CA GLU A 130 21.35 -3.13 10.12
C GLU A 130 21.42 -3.84 11.48
N ARG A 131 20.38 -3.68 12.32
CA ARG A 131 20.25 -4.41 13.60
C ARG A 131 19.20 -5.53 13.57
N ASP A 132 18.28 -5.51 12.60
CA ASP A 132 17.15 -6.46 12.51
C ASP A 132 16.24 -6.36 13.75
N GLU A 133 15.96 -5.13 14.18
CA GLU A 133 15.10 -4.85 15.36
C GLU A 133 13.93 -3.96 14.97
N TRP A 134 12.79 -4.19 15.62
CA TRP A 134 11.62 -3.30 15.53
C TRP A 134 11.50 -2.55 16.83
N HIS A 135 11.19 -1.26 16.76
CA HIS A 135 10.90 -0.44 17.96
C HIS A 135 9.68 0.39 17.75
N LEU A 136 8.85 0.50 18.78
CA LEU A 136 7.67 1.37 18.75
C LEU A 136 8.08 2.84 18.72
N VAL A 137 7.39 3.63 17.91
CA VAL A 137 7.48 5.09 17.91
C VAL A 137 6.13 5.64 18.43
N ALA A 138 5.93 6.95 18.36
CA ALA A 138 4.66 7.56 18.78
C ALA A 138 3.49 7.08 17.92
N PRO A 139 2.36 6.68 18.56
CA PRO A 139 1.19 6.21 17.81
C PRO A 139 0.44 7.36 17.11
N MET A 140 -0.29 7.01 16.06
CA MET A 140 -1.11 7.99 15.31
C MET A 140 -2.24 8.52 16.17
N LEU A 141 -2.80 9.66 15.77
CA LEU A 141 -3.91 10.26 16.49
C LEU A 141 -5.17 9.41 16.27
N THR A 142 -5.45 9.09 15.00
CA THR A 142 -6.57 8.20 14.63
C THR A 142 -6.09 6.76 14.39
N ARG A 143 -6.91 5.78 14.81
CA ARG A 143 -6.74 4.38 14.44
C ARG A 143 -7.06 4.24 12.95
N ARG A 144 -6.26 3.46 12.22
CA ARG A 144 -6.40 3.35 10.75
C ARG A 144 -6.07 1.94 10.23
N ILE A 145 -6.96 1.38 9.42
CA ILE A 145 -6.66 0.26 8.54
C ILE A 145 -7.10 0.62 7.12
N GLY A 146 -6.46 0.03 6.12
CA GLY A 146 -6.67 0.39 4.72
C GLY A 146 -6.03 1.74 4.45
N VAL A 147 -4.93 1.99 5.14
CA VAL A 147 -4.31 3.31 5.22
C VAL A 147 -3.25 3.51 4.15
N GLY A 148 -3.38 4.59 3.38
CA GLY A 148 -2.32 5.04 2.50
C GLY A 148 -1.14 5.60 3.29
N VAL A 149 0.07 5.37 2.78
CA VAL A 149 1.29 5.96 3.36
C VAL A 149 2.18 6.52 2.26
N ALA A 150 2.84 7.64 2.57
CA ALA A 150 3.63 8.38 1.59
C ALA A 150 4.67 9.24 2.30
N VAL A 151 5.94 9.03 1.98
CA VAL A 151 7.03 9.82 2.54
C VAL A 151 7.25 11.03 1.64
N LEU A 152 7.24 12.23 2.24
CA LEU A 152 7.44 13.48 1.52
C LEU A 152 8.13 14.50 2.43
N ASN A 153 9.19 15.14 1.92
CA ASN A 153 10.04 16.08 2.68
C ASN A 153 10.54 15.50 4.01
N ARG A 154 10.88 14.20 3.98
CA ARG A 154 11.32 13.44 5.15
C ARG A 154 10.27 13.37 6.27
N LEU A 155 9.00 13.60 5.93
CA LEU A 155 7.88 13.38 6.84
C LEU A 155 7.01 12.25 6.29
N LEU A 156 6.42 11.46 7.18
CA LEU A 156 5.60 10.32 6.84
C LEU A 156 4.14 10.71 7.03
N TYR A 157 3.35 10.62 5.95
CA TYR A 157 1.93 10.93 5.98
C TYR A 157 1.11 9.64 6.04
N ALA A 158 0.14 9.59 6.96
CA ALA A 158 -0.85 8.51 7.02
C ALA A 158 -2.18 9.08 6.53
N VAL A 159 -2.68 8.58 5.39
CA VAL A 159 -3.84 9.15 4.70
C VAL A 159 -5.01 8.18 4.64
N GLY A 160 -6.21 8.65 4.99
CA GLY A 160 -7.45 7.88 4.88
C GLY A 160 -7.54 6.65 5.79
N GLY A 161 -8.47 5.76 5.45
CA GLY A 161 -8.59 4.44 6.09
C GLY A 161 -9.90 4.23 6.82
N PHE A 162 -9.92 3.23 7.70
CA PHE A 162 -11.09 2.82 8.49
C PHE A 162 -10.68 2.80 9.96
N ASP A 163 -11.45 3.49 10.83
CA ASP A 163 -11.10 3.63 12.26
C ASP A 163 -11.74 2.58 13.20
N GLY A 164 -12.46 1.62 12.63
CA GLY A 164 -13.20 0.62 13.40
C GLY A 164 -14.70 0.88 13.35
N THR A 165 -15.08 2.16 13.31
CA THR A 165 -16.47 2.59 13.17
C THR A 165 -16.75 3.11 11.75
N ASN A 166 -16.00 4.14 11.33
CA ASN A 166 -16.25 4.89 10.09
C ASN A 166 -15.08 4.88 9.11
N ARG A 167 -15.39 5.03 7.82
CA ARG A 167 -14.38 5.31 6.80
C ARG A 167 -13.94 6.78 6.89
N LEU A 168 -12.63 7.01 6.84
CA LEU A 168 -12.02 8.33 7.11
C LEU A 168 -11.65 9.08 5.83
N ASN A 169 -11.78 10.40 5.88
CA ASN A 169 -11.11 11.31 4.91
C ASN A 169 -9.95 12.10 5.52
N SER A 170 -9.70 11.90 6.82
CA SER A 170 -8.67 12.65 7.53
C SER A 170 -7.29 12.11 7.19
N ALA A 171 -6.29 12.99 7.26
CA ALA A 171 -4.89 12.61 7.06
C ALA A 171 -4.06 13.20 8.19
N GLU A 172 -2.84 12.71 8.34
CA GLU A 172 -1.96 13.18 9.40
C GLU A 172 -0.49 12.91 9.16
N CYS A 173 0.34 13.85 9.58
CA CYS A 173 1.77 13.89 9.32
C CYS A 173 2.51 13.36 10.53
N TYR A 174 3.62 12.66 10.29
CA TYR A 174 4.56 12.25 11.36
C TYR A 174 5.90 12.96 11.18
N TYR A 175 6.50 13.32 12.31
CA TYR A 175 7.76 14.06 12.38
C TYR A 175 8.79 13.17 13.08
N PRO A 176 9.70 12.53 12.31
CA PRO A 176 10.65 11.57 12.91
C PRO A 176 11.61 12.11 13.97
N GLU A 177 12.08 13.34 13.76
CA GLU A 177 13.07 13.94 14.65
C GLU A 177 12.41 14.33 15.98
N ARG A 178 11.17 14.82 15.89
CA ARG A 178 10.37 15.20 17.05
C ARG A 178 9.60 14.01 17.67
N ASN A 179 9.29 12.99 16.86
CA ASN A 179 8.53 11.79 17.28
C ASN A 179 7.10 12.12 17.74
N GLU A 180 6.34 12.74 16.85
CA GLU A 180 4.99 13.21 17.17
C GLU A 180 4.16 13.35 15.91
N TRP A 181 2.85 13.13 16.04
CA TRP A 181 1.91 13.22 14.92
C TRP A 181 1.12 14.49 14.92
N ARG A 182 0.61 14.88 13.75
CA ARG A 182 -0.15 16.11 13.58
C ARG A 182 -1.16 15.95 12.45
N MET A 183 -2.41 16.34 12.70
CA MET A 183 -3.45 16.29 11.66
C MET A 183 -3.18 17.34 10.58
N ILE A 184 -3.59 17.03 9.35
CA ILE A 184 -3.49 17.96 8.22
C ILE A 184 -4.86 18.10 7.54
N THR A 185 -4.90 18.91 6.48
CA THR A 185 -6.13 19.10 5.70
C THR A 185 -6.74 17.77 5.24
N ALA A 186 -7.94 17.47 5.72
CA ALA A 186 -8.67 16.26 5.33
C ALA A 186 -9.01 16.27 3.83
N MET A 187 -9.26 15.10 3.27
CA MET A 187 -9.46 14.92 1.83
C MET A 187 -10.85 15.37 1.38
N ASN A 188 -10.98 15.64 0.09
CA ASN A 188 -12.26 15.97 -0.53
C ASN A 188 -13.25 14.82 -0.43
N THR A 189 -12.76 13.61 -0.72
CA THR A 189 -13.56 12.38 -0.68
C THR A 189 -13.13 11.51 0.51
N ILE A 190 -14.04 10.69 1.02
CA ILE A 190 -13.68 9.66 2.01
C ILE A 190 -13.03 8.52 1.23
N ARG A 191 -11.97 7.94 1.78
CA ARG A 191 -11.16 6.94 1.07
C ARG A 191 -10.53 5.94 2.05
N SER A 192 -11.05 4.71 2.03
CA SER A 192 -10.47 3.58 2.73
C SER A 192 -10.00 2.61 1.65
N GLY A 193 -8.77 2.12 1.79
CA GLY A 193 -8.17 1.23 0.81
C GLY A 193 -7.71 1.90 -0.47
N ALA A 194 -7.38 3.18 -0.40
CA ALA A 194 -6.89 3.93 -1.56
C ALA A 194 -5.42 3.58 -1.83
N GLY A 195 -4.97 3.86 -3.04
CA GLY A 195 -3.55 3.79 -3.38
C GLY A 195 -2.94 5.16 -3.14
N VAL A 196 -1.95 5.25 -2.24
CA VAL A 196 -1.33 6.53 -1.92
C VAL A 196 0.18 6.51 -2.16
N CYS A 197 0.65 7.49 -2.93
CA CYS A 197 2.05 7.59 -3.36
C CYS A 197 2.47 9.07 -3.47
N VAL A 198 3.73 9.29 -3.84
CA VAL A 198 4.32 10.63 -3.90
C VAL A 198 4.92 10.88 -5.28
N LEU A 199 4.39 11.86 -6.02
CA LEU A 199 4.91 12.24 -7.35
C LEU A 199 5.05 13.76 -7.49
N HIS A 200 6.27 14.22 -7.75
CA HIS A 200 6.58 15.64 -7.95
C HIS A 200 6.16 16.50 -6.79
N ASN A 201 6.67 16.13 -5.61
CA ASN A 201 6.43 16.85 -4.34
C ASN A 201 4.99 16.84 -3.78
N CYS A 202 4.07 16.13 -4.44
CA CYS A 202 2.66 16.05 -4.02
C CYS A 202 2.29 14.64 -3.59
N ILE A 203 1.32 14.54 -2.68
CA ILE A 203 0.69 13.26 -2.35
C ILE A 203 -0.52 13.06 -3.26
N TYR A 204 -0.56 11.92 -3.95
CA TYR A 204 -1.77 11.50 -4.67
C TYR A 204 -2.41 10.40 -3.85
N ALA A 205 -3.73 10.47 -3.71
CA ALA A 205 -4.55 9.37 -3.21
C ALA A 205 -5.51 8.96 -4.34
N ALA A 206 -5.31 7.76 -4.90
CA ALA A 206 -6.14 7.22 -5.97
C ALA A 206 -7.05 6.10 -5.46
N GLY A 207 -8.26 6.02 -6.03
CA GLY A 207 -9.23 4.97 -5.72
C GLY A 207 -9.68 4.88 -4.27
N GLY A 208 -10.21 3.71 -3.91
CA GLY A 208 -10.63 3.39 -2.54
C GLY A 208 -12.15 3.28 -2.41
N TYR A 209 -12.60 3.15 -1.16
CA TYR A 209 -14.01 2.97 -0.82
C TYR A 209 -14.49 4.12 0.07
N ASP A 210 -15.52 4.84 -0.37
CA ASP A 210 -16.04 6.02 0.36
C ASP A 210 -17.05 5.72 1.48
N GLY A 211 -17.43 4.45 1.60
CA GLY A 211 -18.46 4.03 2.55
C GLY A 211 -19.64 3.39 1.86
N GLN A 212 -19.91 3.82 0.62
CA GLN A 212 -20.99 3.27 -0.19
C GLN A 212 -20.43 2.54 -1.40
N ASP A 213 -19.67 3.25 -2.23
CA ASP A 213 -19.20 2.76 -3.54
C ASP A 213 -17.68 2.72 -3.64
N GLN A 214 -17.19 2.11 -4.73
CA GLN A 214 -15.77 2.12 -5.09
C GLN A 214 -15.53 3.40 -5.90
N LEU A 215 -14.27 3.83 -5.94
CA LEU A 215 -13.91 5.13 -6.49
C LEU A 215 -12.91 5.04 -7.64
N ASN A 216 -13.06 5.95 -8.61
CA ASN A 216 -12.04 6.21 -9.63
C ASN A 216 -11.42 7.63 -9.56
N SER A 217 -11.92 8.46 -8.63
CA SER A 217 -11.42 9.82 -8.45
C SER A 217 -10.01 9.80 -7.86
N VAL A 218 -9.18 10.74 -8.31
CA VAL A 218 -7.81 10.90 -7.82
C VAL A 218 -7.60 12.34 -7.37
N GLU A 219 -7.16 12.54 -6.13
CA GLU A 219 -6.88 13.90 -5.63
C GLU A 219 -5.46 14.08 -5.10
N ARG A 220 -4.96 15.30 -5.27
CA ARG A 220 -3.55 15.67 -5.15
C ARG A 220 -3.35 16.73 -4.07
N TYR A 221 -2.63 16.39 -3.01
CA TYR A 221 -2.24 17.34 -1.95
C TYR A 221 -1.00 18.13 -2.36
N ASP A 222 -1.14 19.46 -2.43
CA ASP A 222 0.02 20.36 -2.57
C ASP A 222 0.43 20.80 -1.16
N VAL A 223 1.73 20.71 -0.86
CA VAL A 223 2.24 20.96 0.50
C VAL A 223 2.23 22.45 0.87
N ALA A 224 2.69 23.29 -0.07
CA ALA A 224 2.75 24.74 0.12
C ALA A 224 1.36 25.36 0.38
N THR A 225 0.38 25.01 -0.46
CA THR A 225 -1.00 25.52 -0.35
C THR A 225 -1.84 24.81 0.72
N ALA A 226 -1.49 23.57 1.06
CA ALA A 226 -2.18 22.75 2.08
C ALA A 226 -3.62 22.41 1.68
N THR A 227 -3.86 22.23 0.39
CA THR A 227 -5.18 21.93 -0.16
C THR A 227 -5.15 20.76 -1.15
N TRP A 228 -6.22 19.95 -1.12
CA TRP A 228 -6.37 18.77 -1.99
C TRP A 228 -7.14 19.11 -3.24
N THR A 229 -6.50 18.97 -4.40
CA THR A 229 -7.12 19.22 -5.71
C THR A 229 -7.36 17.93 -6.49
N PHE A 230 -8.54 17.78 -7.08
CA PHE A 230 -8.84 16.64 -7.97
C PHE A 230 -8.00 16.70 -9.24
N VAL A 231 -7.61 15.52 -9.73
CA VAL A 231 -7.01 15.38 -11.06
C VAL A 231 -7.83 14.35 -11.82
N ALA A 232 -7.50 14.15 -13.10
CA ALA A 232 -8.21 13.21 -13.97
C ALA A 232 -8.42 11.83 -13.30
N PRO A 233 -9.66 11.29 -13.35
CA PRO A 233 -9.93 10.05 -12.64
C PRO A 233 -9.53 8.84 -13.47
N MET A 234 -9.49 7.68 -12.81
CA MET A 234 -9.13 6.43 -13.47
C MET A 234 -10.29 5.92 -14.32
N LYS A 235 -9.97 5.06 -15.28
CA LYS A 235 -11.00 4.41 -16.10
C LYS A 235 -11.80 3.42 -15.26
N HIS A 236 -11.08 2.56 -14.53
CA HIS A 236 -11.69 1.51 -13.73
C HIS A 236 -11.68 1.81 -12.26
N ARG A 237 -12.86 1.85 -11.64
CA ARG A 237 -13.00 2.03 -10.19
C ARG A 237 -12.27 0.92 -9.47
N ARG A 238 -11.72 1.20 -8.29
CA ARG A 238 -11.02 0.18 -7.51
C ARG A 238 -10.73 0.53 -6.05
N SER A 239 -10.68 -0.52 -5.23
CA SER A 239 -10.32 -0.45 -3.82
C SER A 239 -9.37 -1.60 -3.47
N ALA A 240 -8.55 -1.40 -2.45
CA ALA A 240 -7.50 -2.35 -2.04
C ALA A 240 -6.52 -2.60 -3.19
N LEU A 241 -6.15 -1.52 -3.88
CA LEU A 241 -5.34 -1.58 -5.09
C LEU A 241 -3.88 -1.37 -4.79
N GLY A 242 -3.02 -1.89 -5.66
CA GLY A 242 -1.58 -1.66 -5.57
C GLY A 242 -1.24 -0.33 -6.21
N ILE A 243 -0.21 0.33 -5.70
CA ILE A 243 0.24 1.60 -6.29
C ILE A 243 1.74 1.80 -6.13
N THR A 244 2.36 2.38 -7.15
CA THR A 244 3.73 2.88 -7.03
C THR A 244 3.98 3.95 -8.10
N VAL A 245 5.15 4.56 -8.01
CA VAL A 245 5.64 5.51 -9.01
C VAL A 245 6.87 4.92 -9.68
N HIS A 246 6.95 5.05 -11.01
CA HIS A 246 8.09 4.56 -11.79
C HIS A 246 8.41 5.57 -12.86
N GLN A 247 9.52 6.27 -12.69
CA GLN A 247 10.04 7.24 -13.67
C GLN A 247 9.02 8.32 -14.03
N GLY A 248 8.57 9.04 -13.00
CA GLY A 248 7.70 10.18 -13.15
C GLY A 248 6.26 9.89 -13.54
N ARG A 249 5.81 8.65 -13.36
CA ARG A 249 4.42 8.24 -13.64
C ARG A 249 3.91 7.33 -12.51
N ILE A 250 2.62 7.46 -12.18
CA ILE A 250 1.95 6.63 -11.17
C ILE A 250 1.39 5.38 -11.83
N TYR A 251 1.59 4.23 -11.20
CA TYR A 251 1.05 2.95 -11.67
C TYR A 251 0.11 2.40 -10.60
N VAL A 252 -1.15 2.18 -10.95
CA VAL A 252 -2.11 1.49 -10.08
C VAL A 252 -2.28 0.07 -10.58
N LEU A 253 -2.39 -0.88 -9.65
CA LEU A 253 -2.32 -2.32 -9.95
C LEU A 253 -3.43 -3.12 -9.28
N GLY A 254 -4.38 -3.62 -10.09
CA GLY A 254 -5.37 -4.59 -9.63
C GLY A 254 -6.42 -3.98 -8.73
N GLY A 255 -6.93 -4.80 -7.81
CA GLY A 255 -7.90 -4.34 -6.81
C GLY A 255 -9.25 -5.03 -6.92
N TYR A 256 -10.25 -4.45 -6.26
CA TYR A 256 -11.63 -4.95 -6.23
C TYR A 256 -12.59 -3.80 -6.55
N ASP A 257 -13.41 -3.97 -7.58
CA ASP A 257 -14.37 -2.94 -8.03
C ASP A 257 -15.81 -3.18 -7.56
N GLY A 258 -15.99 -3.97 -6.50
CA GLY A 258 -17.32 -4.31 -5.97
C GLY A 258 -17.91 -5.60 -6.52
N HIS A 259 -17.61 -5.90 -7.78
CA HIS A 259 -18.13 -7.08 -8.48
C HIS A 259 -17.06 -8.12 -8.64
N THR A 260 -15.95 -7.72 -9.25
CA THR A 260 -14.90 -8.64 -9.69
C THR A 260 -13.51 -8.20 -9.22
N PHE A 261 -12.52 -9.07 -9.41
CA PHE A 261 -11.11 -8.78 -9.06
C PHE A 261 -10.33 -8.34 -10.27
N LEU A 262 -9.78 -7.13 -10.22
CA LEU A 262 -9.12 -6.52 -11.38
C LEU A 262 -7.72 -7.09 -11.58
N ASP A 263 -7.35 -7.30 -12.85
CA ASP A 263 -5.96 -7.48 -13.28
C ASP A 263 -5.44 -6.26 -14.08
N SER A 264 -6.31 -5.26 -14.30
CA SER A 264 -5.94 -4.00 -14.93
C SER A 264 -4.80 -3.27 -14.21
N VAL A 265 -3.83 -2.77 -14.98
CA VAL A 265 -2.77 -1.89 -14.47
C VAL A 265 -2.80 -0.58 -15.26
N GLU A 266 -3.32 0.49 -14.65
CA GLU A 266 -3.36 1.81 -15.30
C GLU A 266 -2.16 2.67 -14.91
N CYS A 267 -1.81 3.60 -15.80
CA CYS A 267 -0.64 4.45 -15.66
C CYS A 267 -0.98 5.93 -15.85
N TYR A 268 -0.66 6.76 -14.86
CA TYR A 268 -0.91 8.21 -14.90
C TYR A 268 0.31 9.00 -15.37
N ASP A 269 0.14 9.82 -16.40
CA ASP A 269 1.15 10.78 -16.85
C ASP A 269 0.77 12.15 -16.27
N PRO A 270 1.65 12.76 -15.44
CA PRO A 270 1.26 14.04 -14.82
C PRO A 270 1.27 15.25 -15.76
N ASP A 271 2.01 15.17 -16.87
CA ASP A 271 2.11 16.28 -17.83
C ASP A 271 0.84 16.45 -18.66
N THR A 272 0.35 15.35 -19.23
CA THR A 272 -0.92 15.36 -19.99
C THR A 272 -2.16 15.27 -19.10
N ASP A 273 -1.99 14.88 -17.83
CA ASP A 273 -3.11 14.63 -16.91
C ASP A 273 -4.09 13.60 -17.49
N THR A 274 -3.54 12.51 -18.02
CA THR A 274 -4.34 11.44 -18.64
C THR A 274 -3.90 10.07 -18.12
N TRP A 275 -4.87 9.24 -17.73
CA TRP A 275 -4.61 7.84 -17.40
C TRP A 275 -4.70 6.97 -18.63
N SER A 276 -4.04 5.83 -18.59
CA SER A 276 -4.04 4.88 -19.71
C SER A 276 -3.80 3.46 -19.23
N GLU A 277 -4.44 2.50 -19.90
CA GLU A 277 -4.23 1.07 -19.64
C GLU A 277 -2.91 0.67 -20.28
N VAL A 278 -1.95 0.19 -19.47
CA VAL A 278 -0.62 -0.19 -19.99
C VAL A 278 -0.42 -1.69 -20.13
N THR A 279 -0.93 -2.46 -19.19
CA THR A 279 -0.79 -3.91 -19.22
C THR A 279 -1.85 -4.56 -18.36
N ARG A 280 -1.79 -5.89 -18.28
CA ARG A 280 -2.64 -6.66 -17.39
C ARG A 280 -1.74 -7.48 -16.47
N MET A 281 -2.15 -7.64 -15.21
CA MET A 281 -1.50 -8.60 -14.31
C MET A 281 -1.81 -10.00 -14.85
N THR A 282 -0.96 -10.99 -14.54
CA THR A 282 -1.17 -12.36 -15.04
C THR A 282 -2.44 -13.02 -14.49
N SER A 283 -2.90 -12.55 -13.32
CA SER A 283 -4.19 -12.94 -12.76
C SER A 283 -4.74 -11.85 -11.84
N GLY A 284 -6.05 -11.65 -11.87
CA GLY A 284 -6.72 -10.60 -11.11
C GLY A 284 -6.61 -10.82 -9.62
N ARG A 285 -6.36 -9.74 -8.87
CA ARG A 285 -6.13 -9.83 -7.43
C ARG A 285 -6.30 -8.48 -6.74
N SER A 286 -6.46 -8.53 -5.42
CA SER A 286 -6.58 -7.35 -4.55
C SER A 286 -5.69 -7.50 -3.34
N GLY A 287 -5.30 -6.37 -2.75
CA GLY A 287 -4.48 -6.38 -1.55
C GLY A 287 -3.05 -6.86 -1.77
N VAL A 288 -2.48 -6.52 -2.93
CA VAL A 288 -1.07 -6.78 -3.22
C VAL A 288 -0.19 -5.73 -2.53
N GLY A 289 1.05 -6.12 -2.26
CA GLY A 289 2.11 -5.17 -1.95
C GLY A 289 2.80 -4.78 -3.25
N VAL A 290 3.34 -3.57 -3.31
CA VAL A 290 4.07 -3.08 -4.48
C VAL A 290 5.26 -2.21 -4.06
N ALA A 291 6.41 -2.41 -4.71
CA ALA A 291 7.57 -1.52 -4.59
C ALA A 291 8.36 -1.49 -5.89
N VAL A 292 9.26 -0.53 -6.03
CA VAL A 292 10.07 -0.35 -7.24
C VAL A 292 11.58 -0.47 -6.97
N THR A 293 12.25 -1.32 -7.75
CA THR A 293 13.71 -1.35 -7.82
C THR A 293 14.13 -2.16 -9.03
N LEU B 1 -18.12 -10.87 3.57
CA LEU B 1 -17.65 -10.18 2.33
C LEU B 1 -17.28 -8.72 2.61
N ASP B 2 -15.98 -8.47 2.71
CA ASP B 2 -15.42 -7.12 2.90
C ASP B 2 -15.64 -6.32 1.62
N PRO B 3 -16.38 -5.19 1.68
CA PRO B 3 -16.61 -4.41 0.44
C PRO B 3 -15.36 -3.76 -0.18
N GLU B 4 -14.33 -3.51 0.64
CA GLU B 4 -13.16 -2.76 0.22
C GLU B 4 -12.16 -3.66 -0.50
N THR B 5 -11.88 -4.84 0.07
CA THR B 5 -10.94 -5.82 -0.51
C THR B 5 -11.61 -6.90 -1.37
N GLY B 6 -12.85 -7.23 -1.03
CA GLY B 6 -13.55 -8.35 -1.65
C GLY B 6 -13.22 -9.71 -1.04
N GLU B 7 -12.47 -9.73 0.04
CA GLU B 7 -12.11 -11.00 0.70
C GLU B 7 -13.31 -11.54 1.47
N PHE B 8 -13.50 -12.85 1.41
CA PHE B 8 -14.57 -13.53 2.14
C PHE B 8 -13.97 -14.10 3.42
N LEU B 9 -14.31 -13.47 4.55
CA LEU B 9 -13.77 -13.86 5.85
C LEU B 9 -14.70 -14.88 6.49
C ACT C . 10.96 16.27 11.75
O ACT C . 11.28 15.08 11.57
OXT ACT C . 10.55 16.68 12.85
CH3 ACT C . 11.12 17.25 10.62
#